data_4WF6
#
_entry.id   4WF6
#
_cell.length_a   57.400
_cell.length_b   75.200
_cell.length_c   138.800
_cell.angle_alpha   90.000
_cell.angle_beta   90.000
_cell.angle_gamma   90.000
#
_symmetry.space_group_name_H-M   'P 21 21 21'
#
loop_
_entity.id
_entity.type
_entity.pdbx_description
1 polymer 'Lethal factor'
2 non-polymer 'ZINC ION'
3 non-polymer N~2~-[(4-fluoro-3-methylphenyl)sulfonyl]-N-hydroxy-D-alaninamide
4 non-polymer 1,2-ETHANEDIOL
5 water water
#
_entity_poly.entity_id   1
_entity_poly.type   'polypeptide(L)'
_entity_poly.pdbx_seq_one_letter_code
;SNALSRYEKWEKIKQHYQHWSDSLSEEGRGLLKKLQIPIEPKKDDIIHSLSQEEKELLKRIQIDSSDFLSTEEKEFLKKL
QIDIRDSLSEEEKELLNRIQVDSSNPLSEKEKEFLKKLKLDIQPYDINQRLQDTGGLIDSPSINLDVRKQYKRDIQNIDA
LLHQSIGSTLYNKIYLYENMNINNLTATLGADLVDSTDNTKINRGIFNEFKKNFKYSISSNYMIVDINERPALDNERLKW
RIQLSPDTRAGYLENGKLILQRNIGLEIKDVQIIKQSEKEYIRIDAKVVPKSKIDTKIQEAQLNINQEWNKALGLPKYTK
LITFNVHNRYASNIVESAYLILNEWKNNIQSDLIKKVTNYLVDGNGRFVFTDITLPNIAEQYTHQDEIYEQVHSKGLYVP
ESRSILLHGPSKGVELRNDSEGFIHEFGHAVDDYAGYLLDKNQSDLVTNSKKFIDIFKEEGSNLTSYGRTNEAEFFAEAF
RLMHSTDHAERLKVQKNAPKTFQFINDQIKFIINSLVPR
;
_entity_poly.pdbx_strand_id   A
#
# COMPACT_ATOMS: atom_id res chain seq x y z
N SER A 5 36.85 -4.89 11.75
CA SER A 5 37.10 -3.46 11.61
C SER A 5 36.19 -2.84 10.56
N ARG A 6 35.55 -1.73 10.91
CA ARG A 6 34.64 -1.02 10.01
C ARG A 6 35.34 -0.59 8.73
N TYR A 7 36.50 0.05 8.88
CA TYR A 7 37.17 0.69 7.76
C TYR A 7 37.91 -0.30 6.86
N GLU A 8 38.43 -1.36 7.44
CA GLU A 8 39.09 -2.40 6.64
C GLU A 8 38.07 -3.12 5.78
N LYS A 9 36.93 -3.43 6.38
CA LYS A 9 35.81 -4.05 5.70
C LYS A 9 35.36 -3.19 4.52
N TRP A 10 35.15 -1.90 4.79
CA TRP A 10 34.83 -0.92 3.76
C TRP A 10 35.84 -0.98 2.62
N GLU A 11 37.12 -0.92 2.97
CA GLU A 11 38.18 -0.94 1.97
C GLU A 11 38.20 -2.25 1.20
N LYS A 12 38.00 -3.36 1.90
CA LYS A 12 38.07 -4.68 1.28
C LYS A 12 36.96 -4.86 0.25
N ILE A 13 35.79 -4.32 0.55
CA ILE A 13 34.66 -4.39 -0.37
C ILE A 13 34.84 -3.43 -1.53
N LYS A 14 35.32 -2.22 -1.23
CA LYS A 14 35.56 -1.22 -2.27
C LYS A 14 36.53 -1.72 -3.33
N GLN A 15 37.60 -2.38 -2.89
CA GLN A 15 38.60 -2.93 -3.79
C GLN A 15 38.02 -4.05 -4.65
N HIS A 16 37.11 -4.82 -4.06
CA HIS A 16 36.43 -5.91 -4.76
C HIS A 16 35.70 -5.39 -6.00
N TYR A 17 35.07 -4.22 -5.86
CA TYR A 17 34.33 -3.61 -6.96
C TYR A 17 35.11 -2.48 -7.63
N GLN A 18 36.40 -2.39 -7.36
CA GLN A 18 37.20 -1.26 -7.82
C GLN A 18 37.34 -1.18 -9.34
N HIS A 19 37.63 -2.31 -9.97
CA HIS A 19 37.72 -2.35 -11.43
C HIS A 19 36.35 -2.02 -12.03
N TRP A 20 35.30 -2.53 -11.39
CA TRP A 20 33.94 -2.25 -11.79
C TRP A 20 33.66 -0.74 -11.74
N SER A 21 33.99 -0.13 -10.61
CA SER A 21 33.80 1.30 -10.43
C SER A 21 34.54 2.10 -11.48
N ASP A 22 35.79 1.73 -11.75
CA ASP A 22 36.61 2.41 -12.74
C ASP A 22 36.07 2.22 -14.15
N SER A 23 35.40 1.09 -14.39
CA SER A 23 34.92 0.75 -15.72
C SER A 23 33.60 1.40 -16.07
N LEU A 24 32.97 2.05 -15.10
CA LEU A 24 31.68 2.69 -15.31
C LEU A 24 31.77 3.81 -16.35
N SER A 25 30.81 3.84 -17.26
CA SER A 25 30.73 4.91 -18.25
C SER A 25 30.11 6.15 -17.63
N GLU A 26 30.14 7.26 -18.36
CA GLU A 26 29.55 8.51 -17.91
C GLU A 26 28.03 8.35 -17.82
N GLU A 27 27.50 7.47 -18.67
CA GLU A 27 26.08 7.17 -18.67
C GLU A 27 25.71 6.29 -17.48
N GLY A 28 26.60 5.35 -17.14
CA GLY A 28 26.38 4.46 -16.02
C GLY A 28 26.40 5.18 -14.69
N ARG A 29 27.34 6.12 -14.55
CA ARG A 29 27.44 6.90 -13.32
C ARG A 29 26.21 7.76 -13.10
N GLY A 30 25.81 8.50 -14.14
CA GLY A 30 24.66 9.37 -14.07
C GLY A 30 23.41 8.59 -13.74
N LEU A 31 23.33 7.39 -14.29
CA LEU A 31 22.20 6.50 -14.04
C LEU A 31 22.15 6.06 -12.58
N LEU A 32 23.32 5.70 -12.04
CA LEU A 32 23.41 5.30 -10.64
C LEU A 32 23.13 6.46 -9.69
N LYS A 33 23.47 7.68 -10.10
CA LYS A 33 23.22 8.86 -9.28
C LYS A 33 21.73 9.21 -9.32
N LYS A 34 21.14 9.06 -10.51
CA LYS A 34 19.72 9.32 -10.69
C LYS A 34 18.87 8.40 -9.81
N LEU A 35 19.37 7.20 -9.58
CA LEU A 35 18.65 6.20 -8.78
C LEU A 35 18.61 6.58 -7.30
N GLN A 36 19.73 7.08 -6.78
CA GLN A 36 19.82 7.46 -5.37
C GLN A 36 19.12 8.79 -5.13
N ILE A 37 19.30 9.71 -6.06
CA ILE A 37 18.69 11.04 -5.96
C ILE A 37 17.66 11.22 -7.07
N PRO A 38 16.40 10.84 -6.79
CA PRO A 38 15.33 10.94 -7.77
C PRO A 38 15.10 12.38 -8.23
N ILE A 39 14.65 12.54 -9.48
CA ILE A 39 14.41 13.86 -10.04
C ILE A 39 13.02 14.36 -9.68
N GLU A 40 12.97 15.41 -8.86
CA GLU A 40 11.71 15.97 -8.38
C GLU A 40 11.03 16.82 -9.45
N PRO A 41 9.70 16.93 -9.36
CA PRO A 41 8.95 17.79 -10.28
C PRO A 41 9.23 19.27 -10.03
N LYS A 42 9.27 20.06 -11.09
CA LYS A 42 9.54 21.49 -10.98
C LYS A 42 8.30 22.27 -10.54
N LYS A 43 8.27 22.66 -9.27
CA LYS A 43 7.11 23.34 -8.69
C LYS A 43 6.75 24.61 -9.45
N ASP A 44 7.75 25.42 -9.76
CA ASP A 44 7.56 26.66 -10.49
C ASP A 44 6.79 26.44 -11.79
N ASP A 45 7.26 25.49 -12.58
CA ASP A 45 6.65 25.18 -13.87
C ASP A 45 5.21 24.69 -13.71
N ILE A 46 4.97 23.87 -12.69
CA ILE A 46 3.64 23.34 -12.42
C ILE A 46 2.68 24.46 -12.04
N ILE A 47 3.08 25.29 -11.08
CA ILE A 47 2.27 26.42 -10.66
C ILE A 47 2.02 27.39 -11.82
N HIS A 48 3.07 27.65 -12.61
CA HIS A 48 2.95 28.52 -13.77
C HIS A 48 1.93 28.00 -14.77
N SER A 49 1.80 26.67 -14.85
CA SER A 49 0.92 26.05 -15.84
C SER A 49 -0.54 26.05 -15.40
N LEU A 50 -0.80 26.47 -14.15
CA LEU A 50 -2.16 26.53 -13.66
C LEU A 50 -2.82 27.84 -14.06
N SER A 51 -4.16 27.82 -14.16
CA SER A 51 -4.91 29.04 -14.44
C SER A 51 -5.19 29.76 -13.13
N GLN A 52 -5.66 31.00 -13.24
CA GLN A 52 -5.90 31.83 -12.06
C GLN A 52 -6.95 31.22 -11.13
N GLU A 53 -7.95 30.58 -11.72
CA GLU A 53 -9.00 29.94 -10.93
C GLU A 53 -8.46 28.68 -10.23
N GLU A 54 -7.57 27.98 -10.93
CA GLU A 54 -6.99 26.75 -10.41
C GLU A 54 -6.01 27.03 -9.27
N LYS A 55 -5.32 28.17 -9.36
CA LYS A 55 -4.43 28.60 -8.30
C LYS A 55 -5.19 28.89 -7.01
N GLU A 56 -6.30 29.60 -7.13
CA GLU A 56 -7.17 29.89 -5.99
C GLU A 56 -7.71 28.62 -5.37
N LEU A 57 -8.05 27.67 -6.23
CA LEU A 57 -8.57 26.38 -5.81
C LEU A 57 -7.52 25.59 -5.03
N LEU A 58 -6.32 25.52 -5.59
CA LEU A 58 -5.21 24.84 -4.95
C LEU A 58 -4.82 25.53 -3.64
N LYS A 59 -5.03 26.84 -3.60
CA LYS A 59 -4.65 27.66 -2.46
C LYS A 59 -5.47 27.34 -1.20
N ARG A 60 -6.76 27.10 -1.38
CA ARG A 60 -7.67 26.93 -0.25
C ARG A 60 -8.02 25.47 0.06
N ILE A 61 -7.52 24.56 -0.75
CA ILE A 61 -7.96 23.17 -0.68
C ILE A 61 -7.38 22.42 0.53
N GLN A 62 -8.21 21.61 1.17
CA GLN A 62 -7.79 20.77 2.28
C GLN A 62 -7.25 19.45 1.74
N ILE A 63 -5.94 19.40 1.55
CA ILE A 63 -5.29 18.31 0.83
C ILE A 63 -5.44 16.94 1.49
N ASP A 64 -5.38 16.91 2.82
CA ASP A 64 -5.47 15.65 3.56
C ASP A 64 -6.84 14.98 3.42
N SER A 65 -7.83 15.74 2.94
CA SER A 65 -9.19 15.23 2.81
C SER A 65 -9.34 14.24 1.66
N SER A 66 -8.38 14.22 0.75
CA SER A 66 -8.43 13.31 -0.38
C SER A 66 -8.28 11.85 0.06
N ASP A 67 -8.70 10.93 -0.80
CA ASP A 67 -8.69 9.51 -0.46
C ASP A 67 -8.26 8.65 -1.63
N PHE A 68 -7.51 9.23 -2.56
CA PHE A 68 -7.12 8.54 -3.79
C PHE A 68 -5.66 8.77 -4.15
N LEU A 69 -5.05 9.73 -3.47
CA LEU A 69 -3.63 10.05 -3.68
C LEU A 69 -2.76 9.19 -2.77
N SER A 70 -1.46 9.19 -3.03
CA SER A 70 -0.52 8.50 -2.16
C SER A 70 0.02 9.48 -1.12
N THR A 71 0.73 8.95 -0.11
CA THR A 71 1.29 9.79 0.95
C THR A 71 2.31 10.77 0.37
N GLU A 72 2.89 10.37 -0.75
CA GLU A 72 3.97 11.09 -1.39
C GLU A 72 3.43 12.14 -2.35
N GLU A 73 2.27 11.84 -2.94
CA GLU A 73 1.58 12.81 -3.79
C GLU A 73 1.00 13.92 -2.93
N LYS A 74 0.53 13.56 -1.74
CA LYS A 74 0.00 14.53 -0.79
C LYS A 74 1.10 15.45 -0.27
N GLU A 75 2.25 14.86 0.05
CA GLU A 75 3.39 15.61 0.57
C GLU A 75 3.84 16.71 -0.38
N PHE A 76 3.85 16.39 -1.68
CA PHE A 76 4.30 17.34 -2.69
C PHE A 76 3.30 18.47 -2.88
N LEU A 77 2.01 18.13 -2.93
CA LEU A 77 0.95 19.13 -3.10
C LEU A 77 0.94 20.12 -1.93
N LYS A 78 1.32 19.63 -0.75
CA LYS A 78 1.43 20.49 0.42
C LYS A 78 2.49 21.57 0.19
N LYS A 79 3.63 21.17 -0.37
CA LYS A 79 4.70 22.11 -0.69
C LYS A 79 4.28 23.07 -1.81
N LEU A 80 3.54 22.54 -2.77
CA LEU A 80 3.03 23.33 -3.88
C LEU A 80 2.07 24.40 -3.37
N GLN A 81 1.27 24.02 -2.37
CA GLN A 81 0.30 24.92 -1.77
C GLN A 81 1.00 26.07 -1.04
N ILE A 82 2.14 25.77 -0.43
CA ILE A 82 2.91 26.76 0.31
C ILE A 82 3.40 27.90 -0.58
N ASP A 83 3.98 27.54 -1.73
CA ASP A 83 4.48 28.54 -2.67
C ASP A 83 3.36 29.42 -3.19
N ILE A 84 2.18 28.84 -3.37
CA ILE A 84 1.02 29.59 -3.78
C ILE A 84 0.64 30.65 -2.74
N ARG A 85 0.55 30.21 -1.49
CA ARG A 85 0.07 31.06 -0.40
C ARG A 85 1.07 32.13 0.03
N ASP A 86 2.32 32.01 -0.42
CA ASP A 86 3.38 32.91 0.01
C ASP A 86 3.07 34.38 -0.23
N SER A 87 2.58 34.70 -1.43
CA SER A 87 2.35 36.07 -1.84
C SER A 87 1.22 36.75 -1.06
N LEU A 88 0.46 35.96 -0.30
CA LEU A 88 -0.68 36.48 0.44
C LEU A 88 -0.25 37.32 1.65
N SER A 89 -1.22 37.67 2.50
CA SER A 89 -0.92 38.43 3.70
C SER A 89 -0.65 37.50 4.89
N GLU A 90 -0.03 38.07 5.91
CA GLU A 90 0.27 37.32 7.14
C GLU A 90 -1.02 36.94 7.86
N GLU A 91 -1.95 37.89 7.91
CA GLU A 91 -3.24 37.66 8.57
C GLU A 91 -4.10 36.65 7.80
N GLU A 92 -4.01 36.68 6.48
CA GLU A 92 -4.78 35.77 5.63
C GLU A 92 -4.23 34.36 5.71
N LYS A 93 -2.90 34.24 5.72
CA LYS A 93 -2.23 32.95 5.78
C LYS A 93 -2.54 32.21 7.09
N GLU A 94 -2.69 32.96 8.17
CA GLU A 94 -3.01 32.38 9.47
C GLU A 94 -4.40 31.75 9.45
N LEU A 95 -5.32 32.40 8.75
CA LEU A 95 -6.67 31.87 8.59
C LEU A 95 -6.66 30.54 7.85
N LEU A 96 -6.02 30.52 6.69
CA LEU A 96 -5.92 29.30 5.89
C LEU A 96 -5.03 28.27 6.58
N ASN A 105 -13.79 16.95 6.91
CA ASN A 105 -14.55 17.30 5.73
C ASN A 105 -14.06 16.61 4.47
N PRO A 106 -14.99 16.20 3.58
CA PRO A 106 -14.66 15.67 2.26
C PRO A 106 -14.55 16.79 1.22
N LEU A 107 -13.84 16.54 0.13
CA LEU A 107 -13.64 17.55 -0.91
C LEU A 107 -14.88 17.77 -1.77
N SER A 108 -15.00 18.97 -2.33
CA SER A 108 -16.09 19.25 -3.24
C SER A 108 -15.84 18.53 -4.56
N GLU A 109 -16.84 18.53 -5.43
CA GLU A 109 -16.69 17.87 -6.73
C GLU A 109 -15.63 18.58 -7.56
N LYS A 110 -15.70 19.91 -7.53
CA LYS A 110 -14.76 20.75 -8.26
C LYS A 110 -13.32 20.49 -7.81
N GLU A 111 -13.12 20.46 -6.49
CA GLU A 111 -11.80 20.24 -5.91
C GLU A 111 -11.24 18.87 -6.26
N LYS A 112 -12.05 17.83 -6.08
CA LYS A 112 -11.61 16.45 -6.27
C LYS A 112 -11.15 16.20 -7.71
N GLU A 113 -11.98 16.60 -8.67
CA GLU A 113 -11.67 16.40 -10.08
C GLU A 113 -10.40 17.13 -10.50
N PHE A 114 -10.12 18.25 -9.84
CA PHE A 114 -8.91 19.01 -10.11
C PHE A 114 -7.67 18.27 -9.63
N LEU A 115 -7.71 17.77 -8.40
CA LEU A 115 -6.60 17.02 -7.85
C LEU A 115 -6.34 15.75 -8.65
N LYS A 116 -7.41 15.14 -9.14
CA LYS A 116 -7.30 13.91 -9.91
C LYS A 116 -6.45 14.10 -11.16
N LYS A 117 -6.67 15.18 -11.88
CA LYS A 117 -5.90 15.46 -13.08
C LYS A 117 -4.55 16.08 -12.75
N LEU A 118 -4.44 16.68 -11.57
CA LEU A 118 -3.20 17.33 -11.15
C LEU A 118 -2.15 16.31 -10.74
N LYS A 119 -2.60 15.13 -10.30
CA LYS A 119 -1.66 14.13 -9.83
C LYS A 119 -0.83 13.56 -10.98
N LEU A 120 -1.31 13.74 -12.21
CA LEU A 120 -0.56 13.31 -13.38
C LEU A 120 0.70 14.14 -13.59
N ASP A 121 0.71 15.35 -13.04
CA ASP A 121 1.81 16.28 -13.30
C ASP A 121 2.74 16.48 -12.11
N ILE A 122 2.59 15.66 -11.07
CA ILE A 122 3.43 15.80 -9.89
C ILE A 122 4.24 14.53 -9.60
N GLN A 123 4.46 13.73 -10.64
CA GLN A 123 5.17 12.48 -10.48
C GLN A 123 6.68 12.65 -10.64
N PRO A 124 7.44 12.37 -9.59
CA PRO A 124 8.90 12.42 -9.68
C PRO A 124 9.43 11.23 -10.47
N TYR A 125 10.58 11.38 -11.12
CA TYR A 125 11.20 10.23 -11.76
C TYR A 125 12.04 9.49 -10.72
N ASP A 126 11.44 8.47 -10.12
CA ASP A 126 12.06 7.72 -9.04
C ASP A 126 12.05 6.24 -9.39
N ILE A 127 13.19 5.74 -9.87
CA ILE A 127 13.30 4.37 -10.35
C ILE A 127 12.98 3.34 -9.27
N ASN A 128 13.52 3.55 -8.07
CA ASN A 128 13.27 2.66 -6.93
C ASN A 128 11.80 2.68 -6.52
N GLN A 129 11.20 3.87 -6.58
CA GLN A 129 9.81 4.01 -6.19
C GLN A 129 8.87 3.36 -7.17
N ARG A 130 9.16 3.55 -8.46
CA ARG A 130 8.37 2.92 -9.51
C ARG A 130 8.40 1.41 -9.35
N LEU A 131 9.59 0.89 -9.04
CA LEU A 131 9.76 -0.55 -8.87
C LEU A 131 8.99 -1.08 -7.68
N GLN A 132 8.99 -0.33 -6.58
CA GLN A 132 8.27 -0.75 -5.39
C GLN A 132 6.76 -0.61 -5.56
N ASP A 133 6.33 0.47 -6.21
CA ASP A 133 4.92 0.71 -6.44
C ASP A 133 4.30 -0.35 -7.34
N THR A 134 5.07 -0.81 -8.32
CA THR A 134 4.59 -1.81 -9.27
C THR A 134 4.97 -3.22 -8.86
N GLY A 135 5.85 -3.33 -7.86
CA GLY A 135 6.39 -4.61 -7.47
C GLY A 135 7.15 -5.28 -8.61
N GLY A 136 7.69 -4.46 -9.51
CA GLY A 136 8.44 -4.94 -10.65
C GLY A 136 7.62 -5.01 -11.94
N LEU A 137 6.30 -5.03 -11.82
CA LEU A 137 5.43 -5.04 -12.99
C LEU A 137 5.41 -3.66 -13.63
N ILE A 138 6.52 -3.30 -14.27
CA ILE A 138 6.76 -1.93 -14.70
C ILE A 138 5.94 -1.54 -15.94
N ASP A 139 5.33 -2.52 -16.59
CA ASP A 139 4.49 -2.23 -17.76
C ASP A 139 3.08 -1.82 -17.36
N SER A 140 2.77 -1.92 -16.08
CA SER A 140 1.45 -1.55 -15.57
C SER A 140 1.11 -0.11 -15.99
N PRO A 141 -0.10 0.08 -16.53
CA PRO A 141 -0.49 1.36 -17.14
C PRO A 141 -0.93 2.40 -16.14
N SER A 142 -0.15 2.59 -15.07
CA SER A 142 -0.50 3.55 -14.03
C SER A 142 0.28 4.87 -14.16
N ILE A 143 1.18 4.94 -15.13
CA ILE A 143 1.86 6.19 -15.45
C ILE A 143 1.87 6.43 -16.95
N ASN A 144 2.23 7.65 -17.34
CA ASN A 144 2.37 8.02 -18.75
C ASN A 144 3.22 7.02 -19.52
N LEU A 145 2.81 6.71 -20.74
CA LEU A 145 3.46 5.67 -21.54
C LEU A 145 4.94 5.97 -21.77
N ASP A 146 5.26 7.21 -22.12
CA ASP A 146 6.63 7.58 -22.45
C ASP A 146 7.54 7.46 -21.24
N VAL A 147 7.06 7.93 -20.10
CA VAL A 147 7.81 7.82 -18.85
C VAL A 147 8.00 6.34 -18.51
N ARG A 148 6.96 5.55 -18.75
CA ARG A 148 7.00 4.12 -18.50
C ARG A 148 8.11 3.46 -19.31
N LYS A 149 8.32 3.95 -20.52
CA LYS A 149 9.34 3.39 -21.40
C LYS A 149 10.73 3.85 -21.00
N GLN A 150 10.82 5.06 -20.44
CA GLN A 150 12.07 5.56 -19.92
C GLN A 150 12.51 4.78 -18.69
N TYR A 151 11.53 4.44 -17.85
CA TYR A 151 11.78 3.60 -16.69
C TYR A 151 12.32 2.23 -17.10
N LYS A 152 11.70 1.65 -18.13
CA LYS A 152 12.09 0.33 -18.60
C LYS A 152 13.52 0.32 -19.14
N ARG A 153 13.87 1.37 -19.89
CA ARG A 153 15.22 1.50 -20.42
C ARG A 153 16.25 1.68 -19.32
N ASP A 154 15.93 2.54 -18.34
CA ASP A 154 16.82 2.77 -17.21
C ASP A 154 17.02 1.50 -16.37
N ILE A 155 15.93 0.84 -16.03
CA ILE A 155 15.99 -0.38 -15.21
C ILE A 155 16.80 -1.48 -15.89
N GLN A 156 16.55 -1.70 -17.18
CA GLN A 156 17.30 -2.69 -17.94
C GLN A 156 18.79 -2.37 -17.94
N ASN A 157 19.12 -1.10 -18.11
CA ASN A 157 20.50 -0.66 -18.10
C ASN A 157 21.16 -0.83 -16.73
N ILE A 158 20.42 -0.57 -15.67
CA ILE A 158 20.93 -0.71 -14.32
C ILE A 158 21.16 -2.18 -13.99
N ASP A 159 20.25 -3.04 -14.45
CA ASP A 159 20.40 -4.49 -14.31
C ASP A 159 21.71 -4.94 -14.95
N ALA A 160 22.03 -4.33 -16.08
CA ALA A 160 23.25 -4.65 -16.82
C ALA A 160 24.50 -4.25 -16.04
N LEU A 161 24.46 -3.07 -15.43
CA LEU A 161 25.59 -2.58 -14.62
C LEU A 161 25.91 -3.51 -13.44
N LEU A 162 24.87 -3.98 -12.77
CA LEU A 162 25.04 -4.80 -11.59
C LEU A 162 25.23 -6.27 -11.98
N HIS A 163 26.41 -6.59 -12.48
CA HIS A 163 26.71 -7.93 -12.99
C HIS A 163 27.73 -8.66 -12.11
N GLN A 164 28.42 -7.93 -11.24
CA GLN A 164 29.44 -8.54 -10.39
C GLN A 164 28.86 -8.95 -9.03
N SER A 165 28.96 -10.24 -8.74
CA SER A 165 28.50 -10.77 -7.45
C SER A 165 29.42 -10.33 -6.33
N ILE A 166 28.98 -10.53 -5.10
CA ILE A 166 29.77 -10.18 -3.92
C ILE A 166 30.96 -11.14 -3.78
N GLY A 167 30.82 -12.35 -4.30
CA GLY A 167 31.89 -13.33 -4.26
C GLY A 167 31.70 -14.40 -3.22
N SER A 168 32.39 -15.53 -3.40
CA SER A 168 32.29 -16.64 -2.46
C SER A 168 33.23 -16.45 -1.28
N THR A 169 34.07 -15.43 -1.36
CA THR A 169 35.00 -15.12 -0.29
C THR A 169 34.38 -14.15 0.73
N LEU A 170 33.62 -13.19 0.23
CA LEU A 170 33.14 -12.09 1.07
C LEU A 170 31.75 -12.29 1.66
N TYR A 171 30.94 -13.15 1.03
CA TYR A 171 29.53 -13.25 1.37
C TYR A 171 29.27 -13.69 2.81
N ASN A 172 30.16 -14.49 3.38
CA ASN A 172 29.98 -14.97 4.75
C ASN A 172 30.96 -14.31 5.72
N LYS A 173 31.60 -13.24 5.28
CA LYS A 173 32.53 -12.49 6.12
C LYS A 173 31.95 -11.14 6.50
N ILE A 174 30.94 -10.71 5.77
CA ILE A 174 30.39 -9.38 5.95
C ILE A 174 28.90 -9.38 6.22
N TYR A 175 28.48 -8.38 7.00
CA TYR A 175 27.06 -8.08 7.15
C TYR A 175 26.81 -6.69 6.61
N LEU A 176 25.74 -6.53 5.87
CA LEU A 176 25.35 -5.21 5.41
C LEU A 176 24.10 -4.76 6.13
N TYR A 177 23.90 -3.44 6.18
CA TYR A 177 22.91 -2.89 7.08
C TYR A 177 21.95 -1.95 6.38
N GLU A 178 20.75 -1.83 6.95
CA GLU A 178 19.75 -0.91 6.43
C GLU A 178 18.87 -0.42 7.56
N ASN A 179 18.83 0.90 7.73
CA ASN A 179 17.87 1.51 8.63
C ASN A 179 16.57 1.75 7.89
N MET A 180 15.46 1.39 8.52
CA MET A 180 14.15 1.48 7.87
C MET A 180 13.11 2.08 8.78
N ASN A 181 12.22 2.89 8.21
CA ASN A 181 11.08 3.40 8.95
C ASN A 181 10.01 2.32 9.05
N ILE A 182 9.43 2.19 10.25
CA ILE A 182 8.43 1.16 10.51
C ILE A 182 7.21 1.28 9.60
N ASN A 183 6.94 2.50 9.16
CA ASN A 183 5.77 2.77 8.32
C ASN A 183 5.96 2.27 6.88
N ASN A 184 7.20 1.93 6.53
CA ASN A 184 7.49 1.33 5.23
C ASN A 184 6.82 -0.04 5.13
N LEU A 185 6.93 -0.81 6.21
CA LEU A 185 6.35 -2.16 6.22
C LEU A 185 4.85 -2.14 6.51
N THR A 186 4.45 -1.43 7.57
CA THR A 186 3.04 -1.39 7.94
C THR A 186 2.68 -0.11 8.72
N ALA A 187 1.87 0.73 8.10
CA ALA A 187 1.43 1.97 8.73
C ALA A 187 0.54 1.70 9.94
N THR A 188 -0.19 0.60 9.89
CA THR A 188 -1.11 0.23 10.96
C THR A 188 -0.38 -0.04 12.28
N LEU A 189 0.60 -0.95 12.24
CA LEU A 189 1.37 -1.28 13.44
C LEU A 189 2.40 -0.20 13.76
N GLY A 190 2.76 0.60 12.76
CA GLY A 190 3.74 1.65 12.95
C GLY A 190 3.23 2.78 13.84
N ALA A 191 1.91 2.94 13.87
CA ALA A 191 1.29 4.00 14.66
C ALA A 191 1.42 3.72 16.17
N ASP A 192 1.53 2.45 16.52
CA ASP A 192 1.55 2.06 17.93
C ASP A 192 2.65 1.07 18.27
N LEU A 193 3.73 1.06 17.49
CA LEU A 193 4.86 0.18 17.79
C LEU A 193 5.73 0.78 18.88
N VAL A 194 6.04 2.07 18.76
CA VAL A 194 6.78 2.76 19.81
C VAL A 194 5.86 2.99 21.00
N ASP A 195 6.36 2.67 22.19
CA ASP A 195 5.62 2.89 23.43
C ASP A 195 5.18 4.34 23.54
N SER A 196 3.89 4.55 23.75
CA SER A 196 3.30 5.88 23.76
C SER A 196 3.72 6.68 25.00
N THR A 197 3.86 6.00 26.13
CA THR A 197 4.29 6.64 27.35
C THR A 197 5.78 6.97 27.28
N ASP A 198 6.56 6.00 26.84
CA ASP A 198 8.02 6.15 26.77
C ASP A 198 8.53 5.91 25.35
N ASN A 199 8.94 6.99 24.69
CA ASN A 199 9.40 6.91 23.30
C ASN A 199 10.63 6.02 23.12
N THR A 200 11.34 5.74 24.20
CA THR A 200 12.57 4.94 24.13
C THR A 200 12.31 3.45 24.20
N LYS A 201 11.04 3.05 24.33
CA LYS A 201 10.70 1.65 24.45
C LYS A 201 9.80 1.17 23.30
N ILE A 202 9.87 -0.12 23.01
CA ILE A 202 9.00 -0.75 22.02
C ILE A 202 7.83 -1.44 22.72
N ASN A 203 6.61 -1.20 22.26
CA ASN A 203 5.46 -1.91 22.77
C ASN A 203 5.59 -3.41 22.54
N ARG A 204 5.72 -4.16 23.63
CA ARG A 204 5.98 -5.59 23.57
C ARG A 204 4.89 -6.38 22.86
N GLY A 205 3.64 -5.92 22.98
CA GLY A 205 2.53 -6.57 22.33
C GLY A 205 2.55 -6.39 20.82
N ILE A 206 2.66 -5.14 20.39
CA ILE A 206 2.73 -4.82 18.97
C ILE A 206 3.96 -5.45 18.33
N PHE A 207 5.06 -5.47 19.06
CA PHE A 207 6.29 -6.11 18.59
C PHE A 207 6.07 -7.58 18.31
N ASN A 208 5.23 -8.21 19.11
CA ASN A 208 4.88 -9.62 18.92
C ASN A 208 4.04 -9.81 17.65
N GLU A 209 3.13 -8.88 17.39
CA GLU A 209 2.29 -8.93 16.20
C GLU A 209 3.15 -8.78 14.95
N PHE A 210 4.15 -7.91 15.06
CA PHE A 210 5.08 -7.65 13.96
C PHE A 210 6.00 -8.84 13.70
N LYS A 211 6.49 -9.43 14.78
CA LYS A 211 7.47 -10.51 14.71
C LYS A 211 6.86 -11.85 14.28
N LYS A 212 5.62 -12.09 14.69
CA LYS A 212 4.96 -13.39 14.53
C LYS A 212 4.90 -13.89 13.09
N ASN A 213 4.36 -13.09 12.17
CA ASN A 213 4.16 -13.54 10.81
C ASN A 213 5.13 -12.92 9.80
N PHE A 214 6.30 -12.52 10.28
CA PHE A 214 7.32 -12.01 9.38
C PHE A 214 8.42 -13.06 9.21
N LYS A 215 8.24 -13.93 8.22
CA LYS A 215 9.21 -15.00 7.99
C LYS A 215 10.05 -14.79 6.73
N TYR A 216 9.49 -14.06 5.76
CA TYR A 216 10.25 -13.76 4.55
C TYR A 216 9.95 -12.39 3.97
N SER A 217 10.86 -11.91 3.14
CA SER A 217 10.82 -10.56 2.60
C SER A 217 11.24 -10.55 1.13
N ILE A 218 10.62 -9.69 0.33
CA ILE A 218 10.98 -9.55 -1.08
C ILE A 218 11.39 -8.12 -1.39
N SER A 219 12.43 -7.96 -2.21
CA SER A 219 12.83 -6.65 -2.67
C SER A 219 12.69 -6.54 -4.19
N SER A 220 11.73 -5.75 -4.65
CA SER A 220 11.49 -5.60 -6.08
C SER A 220 12.28 -4.43 -6.66
N ASN A 221 12.80 -3.57 -5.79
CA ASN A 221 13.69 -2.52 -6.24
C ASN A 221 15.13 -2.78 -5.81
N TYR A 222 16.02 -1.83 -6.07
CA TYR A 222 17.42 -1.99 -5.72
C TYR A 222 17.68 -1.49 -4.30
N MET A 223 17.99 -2.41 -3.40
CA MET A 223 18.28 -2.04 -2.03
C MET A 223 19.62 -1.31 -1.95
N ILE A 224 19.61 -0.18 -1.26
CA ILE A 224 20.84 0.56 -0.99
C ILE A 224 21.23 0.39 0.47
N VAL A 225 22.26 -0.40 0.72
CA VAL A 225 22.62 -0.80 2.08
C VAL A 225 23.94 -0.19 2.54
N ASP A 226 24.12 -0.16 3.86
CA ASP A 226 25.34 0.34 4.46
C ASP A 226 26.32 -0.80 4.72
N ILE A 227 27.58 -0.60 4.36
CA ILE A 227 28.63 -1.56 4.67
C ILE A 227 28.81 -1.59 6.19
N ASN A 228 28.68 -0.43 6.80
CA ASN A 228 28.76 -0.32 8.26
C ASN A 228 27.49 0.29 8.82
N GLU A 229 26.95 -0.34 9.86
CA GLU A 229 25.73 0.13 10.49
C GLU A 229 25.90 1.55 11.02
N ARG A 230 24.99 2.44 10.61
CA ARG A 230 24.99 3.81 11.12
C ARG A 230 23.84 3.97 12.10
N PRO A 231 24.05 4.81 13.13
CA PRO A 231 23.01 5.09 14.12
C PRO A 231 21.72 5.56 13.46
N ALA A 232 20.59 5.05 13.94
CA ALA A 232 19.32 5.31 13.31
C ALA A 232 18.82 6.72 13.61
N LEU A 233 18.20 7.34 12.62
CA LEU A 233 17.47 8.58 12.84
C LEU A 233 16.21 8.26 13.66
N ASP A 234 15.52 9.28 14.13
CA ASP A 234 14.42 9.07 15.06
C ASP A 234 13.22 8.34 14.45
N ASN A 235 13.01 8.54 13.15
CA ASN A 235 11.94 7.85 12.44
C ASN A 235 12.31 6.39 12.12
N GLU A 236 13.61 6.10 12.16
CA GLU A 236 14.11 4.76 11.86
C GLU A 236 14.19 3.92 13.13
N ARG A 237 13.29 2.97 13.29
CA ARG A 237 13.34 2.08 14.44
C ARG A 237 13.67 0.65 14.02
N LEU A 238 13.78 0.43 12.72
CA LEU A 238 14.14 -0.89 12.20
C LEU A 238 15.59 -0.95 11.76
N LYS A 239 16.34 -1.90 12.32
CA LYS A 239 17.75 -2.05 12.01
C LYS A 239 18.01 -3.39 11.33
N TRP A 240 17.93 -3.42 10.00
CA TRP A 240 18.18 -4.63 9.24
C TRP A 240 19.66 -5.01 9.23
N ARG A 241 19.94 -6.28 9.49
CA ARG A 241 21.29 -6.82 9.35
C ARG A 241 21.24 -7.93 8.31
N ILE A 242 21.82 -7.67 7.14
CA ILE A 242 21.64 -8.55 6.00
C ILE A 242 22.90 -9.31 5.61
N GLN A 243 22.75 -10.62 5.48
CA GLN A 243 23.81 -11.47 4.95
C GLN A 243 23.46 -11.87 3.52
N LEU A 244 24.38 -11.61 2.60
CA LEU A 244 24.14 -11.90 1.19
C LEU A 244 24.56 -13.33 0.83
N SER A 245 24.10 -13.79 -0.33
CA SER A 245 24.56 -15.06 -0.89
C SER A 245 25.75 -14.79 -1.81
N PRO A 246 26.57 -15.81 -2.09
CA PRO A 246 27.78 -15.61 -2.91
C PRO A 246 27.48 -15.02 -4.30
N ASP A 247 26.38 -15.43 -4.91
CA ASP A 247 26.05 -14.99 -6.25
C ASP A 247 25.13 -13.78 -6.29
N THR A 248 24.92 -13.14 -5.13
CA THR A 248 24.17 -11.90 -5.07
C THR A 248 24.95 -10.78 -5.75
N ARG A 249 24.38 -10.22 -6.81
CA ARG A 249 25.05 -9.17 -7.56
C ARG A 249 24.84 -7.80 -6.90
N ALA A 250 25.88 -6.97 -6.95
CA ALA A 250 25.84 -5.65 -6.32
C ALA A 250 26.84 -4.72 -6.98
N GLY A 251 26.88 -3.48 -6.50
CA GLY A 251 27.83 -2.50 -7.00
C GLY A 251 28.23 -1.55 -5.89
N TYR A 252 29.49 -1.11 -5.90
CA TYR A 252 29.95 -0.20 -4.86
C TYR A 252 29.40 1.20 -5.05
N LEU A 253 28.96 1.79 -3.95
CA LEU A 253 28.44 3.14 -3.93
C LEU A 253 29.26 3.97 -2.97
N GLU A 254 29.58 5.21 -3.34
CA GLU A 254 30.50 6.02 -2.55
C GLU A 254 29.97 6.25 -1.13
N ASN A 255 30.90 6.54 -0.22
CA ASN A 255 30.63 6.66 1.22
C ASN A 255 30.18 5.36 1.85
N GLY A 256 30.82 4.26 1.44
CA GLY A 256 30.65 2.98 2.10
C GLY A 256 29.27 2.34 1.99
N LYS A 257 28.73 2.30 0.78
CA LYS A 257 27.42 1.71 0.55
C LYS A 257 27.42 0.72 -0.62
N LEU A 258 26.37 -0.10 -0.69
CA LEU A 258 26.22 -1.05 -1.79
C LEU A 258 24.82 -0.98 -2.39
N ILE A 259 24.77 -0.92 -3.72
CA ILE A 259 23.52 -1.08 -4.42
C ILE A 259 23.33 -2.55 -4.78
N LEU A 260 22.24 -3.16 -4.33
CA LEU A 260 21.96 -4.55 -4.60
C LEU A 260 21.10 -4.70 -5.84
N GLN A 261 21.22 -5.84 -6.51
CA GLN A 261 20.34 -6.19 -7.61
C GLN A 261 18.89 -6.23 -7.14
N ARG A 262 17.96 -5.94 -8.05
CA ARG A 262 16.54 -6.05 -7.76
C ARG A 262 16.11 -7.50 -7.76
N ASN A 263 14.88 -7.75 -7.33
CA ASN A 263 14.29 -9.09 -7.30
C ASN A 263 15.10 -10.10 -6.50
N ILE A 264 15.32 -9.81 -5.22
CA ILE A 264 15.96 -10.77 -4.34
C ILE A 264 15.01 -11.23 -3.25
N GLY A 265 15.23 -12.46 -2.76
CA GLY A 265 14.47 -13.00 -1.65
C GLY A 265 15.23 -12.82 -0.34
N LEU A 266 14.48 -12.73 0.76
CA LEU A 266 15.09 -12.52 2.07
C LEU A 266 14.39 -13.34 3.15
N GLU A 267 15.07 -14.36 3.65
CA GLU A 267 14.52 -15.14 4.75
C GLU A 267 14.81 -14.46 6.08
N ILE A 268 13.75 -14.14 6.82
CA ILE A 268 13.90 -13.52 8.13
C ILE A 268 14.44 -14.55 9.13
N LYS A 269 15.68 -14.36 9.54
CA LYS A 269 16.32 -15.32 10.44
C LYS A 269 15.99 -15.03 11.90
N ASP A 270 15.95 -13.75 12.26
CA ASP A 270 15.68 -13.37 13.65
C ASP A 270 15.17 -11.93 13.77
N VAL A 271 14.21 -11.72 14.66
CA VAL A 271 13.71 -10.38 14.95
C VAL A 271 13.79 -10.12 16.44
N GLN A 272 14.65 -9.19 16.83
CA GLN A 272 14.90 -8.95 18.25
C GLN A 272 14.76 -7.48 18.64
N ILE A 273 14.46 -7.25 19.91
CA ILE A 273 14.51 -5.91 20.48
C ILE A 273 15.89 -5.69 21.08
N ILE A 274 16.60 -4.71 20.54
CA ILE A 274 17.95 -4.42 21.04
C ILE A 274 18.06 -2.97 21.53
N LYS A 275 19.07 -2.71 22.34
CA LYS A 275 19.31 -1.37 22.83
C LYS A 275 20.55 -0.76 22.17
N GLN A 276 20.37 0.40 21.54
CA GLN A 276 21.49 1.16 21.00
C GLN A 276 21.47 2.56 21.56
N SER A 277 22.49 2.88 22.36
CA SER A 277 22.62 4.18 23.00
C SER A 277 21.38 4.53 23.82
N GLU A 278 21.04 3.67 24.77
CA GLU A 278 19.94 3.90 25.70
C GLU A 278 18.60 4.12 25.01
N LYS A 279 18.33 3.34 23.97
CA LYS A 279 17.04 3.38 23.28
C LYS A 279 16.79 2.07 22.56
N GLU A 280 15.54 1.64 22.51
CA GLU A 280 15.20 0.32 21.98
C GLU A 280 14.89 0.36 20.49
N TYR A 281 15.51 -0.57 19.75
CA TYR A 281 15.28 -0.72 18.33
C TYR A 281 14.95 -2.16 17.99
N ILE A 282 14.44 -2.38 16.78
CA ILE A 282 14.17 -3.74 16.32
C ILE A 282 15.27 -4.20 15.37
N ARG A 283 15.96 -5.27 15.76
CA ARG A 283 16.95 -5.90 14.90
C ARG A 283 16.31 -6.93 14.00
N ILE A 284 16.45 -6.76 12.69
CA ILE A 284 15.95 -7.74 11.74
C ILE A 284 17.10 -8.38 10.98
N ASP A 285 17.41 -9.62 11.34
CA ASP A 285 18.46 -10.37 10.64
C ASP A 285 17.87 -11.13 9.46
N ALA A 286 18.41 -10.85 8.28
CA ALA A 286 17.89 -11.46 7.05
C ALA A 286 19.01 -12.11 6.24
N LYS A 287 18.66 -13.20 5.56
CA LYS A 287 19.59 -13.90 4.68
C LYS A 287 19.03 -13.87 3.27
N VAL A 288 19.85 -13.45 2.31
CA VAL A 288 19.42 -13.41 0.92
C VAL A 288 19.26 -14.82 0.35
N VAL A 289 18.11 -15.06 -0.26
CA VAL A 289 17.84 -16.33 -0.92
C VAL A 289 17.40 -16.03 -2.36
N PRO A 290 17.35 -17.07 -3.21
CA PRO A 290 16.72 -16.84 -4.51
C PRO A 290 15.27 -16.42 -4.34
N LYS A 291 14.85 -15.37 -5.07
CA LYS A 291 13.49 -14.87 -4.96
C LYS A 291 12.46 -15.96 -5.26
N SER A 292 12.80 -16.84 -6.20
CA SER A 292 11.92 -17.92 -6.61
C SER A 292 11.56 -18.84 -5.44
N LYS A 293 12.49 -18.99 -4.50
CA LYS A 293 12.25 -19.77 -3.30
C LYS A 293 11.09 -19.16 -2.52
N ILE A 294 11.13 -17.84 -2.36
CA ILE A 294 10.07 -17.11 -1.66
C ILE A 294 8.75 -17.18 -2.41
N ASP A 295 8.81 -16.95 -3.72
CA ASP A 295 7.61 -16.95 -4.56
C ASP A 295 6.88 -18.28 -4.48
N THR A 296 7.64 -19.36 -4.38
CA THR A 296 7.06 -20.69 -4.22
C THR A 296 6.27 -20.78 -2.93
N LYS A 297 6.84 -20.26 -1.84
CA LYS A 297 6.16 -20.23 -0.55
C LYS A 297 4.87 -19.43 -0.64
N ILE A 298 4.90 -18.36 -1.41
CA ILE A 298 3.73 -17.51 -1.61
C ILE A 298 2.66 -18.24 -2.43
N GLN A 299 3.08 -18.83 -3.55
CA GLN A 299 2.16 -19.53 -4.43
C GLN A 299 1.52 -20.73 -3.74
N GLU A 300 2.31 -21.43 -2.95
CA GLU A 300 1.81 -22.55 -2.16
C GLU A 300 0.80 -22.05 -1.13
N ALA A 301 1.06 -20.89 -0.57
CA ALA A 301 0.17 -20.29 0.42
C ALA A 301 -1.15 -19.89 -0.21
N GLN A 302 -1.10 -19.38 -1.43
CA GLN A 302 -2.30 -18.99 -2.15
C GLN A 302 -3.14 -20.22 -2.49
N LEU A 303 -2.47 -21.30 -2.86
CA LEU A 303 -3.14 -22.55 -3.16
C LEU A 303 -3.86 -23.08 -1.92
N ASN A 304 -3.26 -22.85 -0.76
CA ASN A 304 -3.78 -23.35 0.50
C ASN A 304 -5.00 -22.58 1.01
N ILE A 305 -4.90 -21.26 1.05
CA ILE A 305 -5.98 -20.43 1.58
C ILE A 305 -7.21 -20.50 0.68
N ASN A 306 -7.00 -20.79 -0.61
CA ASN A 306 -8.11 -20.97 -1.51
C ASN A 306 -8.82 -22.29 -1.26
N GLN A 307 -8.06 -23.34 -0.95
CA GLN A 307 -8.64 -24.64 -0.65
C GLN A 307 -9.44 -24.60 0.66
N GLU A 308 -8.90 -23.89 1.65
CA GLU A 308 -9.56 -23.81 2.95
C GLU A 308 -10.87 -23.04 2.86
N TRP A 309 -10.90 -22.01 2.02
CA TRP A 309 -12.06 -21.13 1.96
C TRP A 309 -13.06 -21.52 0.87
N ASN A 310 -12.61 -22.27 -0.13
CA ASN A 310 -13.54 -22.81 -1.12
C ASN A 310 -14.47 -23.81 -0.47
N LYS A 311 -13.91 -24.66 0.38
CA LYS A 311 -14.67 -25.63 1.14
C LYS A 311 -15.60 -24.92 2.12
N ALA A 312 -15.07 -23.91 2.79
CA ALA A 312 -15.81 -23.16 3.80
C ALA A 312 -16.98 -22.39 3.19
N LEU A 313 -16.89 -22.08 1.91
CA LEU A 313 -17.92 -21.30 1.23
C LEU A 313 -18.74 -22.15 0.26
N GLY A 314 -18.41 -23.43 0.19
CA GLY A 314 -19.12 -24.33 -0.71
C GLY A 314 -18.86 -24.03 -2.17
N LEU A 315 -17.67 -23.51 -2.45
CA LEU A 315 -17.24 -23.27 -3.82
C LEU A 315 -16.41 -24.44 -4.32
N PRO A 316 -16.41 -24.67 -5.63
CA PRO A 316 -15.56 -25.72 -6.21
C PRO A 316 -14.09 -25.52 -5.84
N LYS A 317 -13.35 -26.61 -5.67
CA LYS A 317 -11.97 -26.53 -5.23
C LYS A 317 -11.09 -25.75 -6.20
N TYR A 318 -11.38 -25.87 -7.50
CA TYR A 318 -10.56 -25.23 -8.53
C TYR A 318 -10.86 -23.73 -8.67
N THR A 319 -11.69 -23.21 -7.78
CA THR A 319 -12.05 -21.79 -7.83
C THR A 319 -10.89 -20.91 -7.40
N LYS A 320 -10.52 -19.96 -8.25
CA LYS A 320 -9.51 -18.97 -7.90
C LYS A 320 -10.21 -17.71 -7.39
N LEU A 321 -10.29 -17.58 -6.07
CA LEU A 321 -10.94 -16.44 -5.44
C LEU A 321 -9.94 -15.50 -4.78
N ILE A 322 -9.05 -16.06 -3.97
CA ILE A 322 -8.08 -15.26 -3.23
C ILE A 322 -6.78 -15.15 -4.00
N THR A 323 -6.31 -13.93 -4.21
CA THR A 323 -5.08 -13.67 -4.95
C THR A 323 -4.02 -12.98 -4.10
N PHE A 324 -2.82 -13.55 -4.07
CA PHE A 324 -1.69 -12.91 -3.39
C PHE A 324 -0.82 -12.18 -4.41
N ASN A 325 -0.93 -10.86 -4.44
CA ASN A 325 -0.08 -10.05 -5.30
C ASN A 325 1.03 -9.41 -4.46
N VAL A 326 2.05 -10.21 -4.14
CA VAL A 326 3.05 -9.81 -3.17
C VAL A 326 4.45 -9.70 -3.77
N HIS A 327 5.10 -8.56 -3.55
CA HIS A 327 6.39 -8.28 -4.17
C HIS A 327 7.35 -7.47 -3.28
N ASN A 328 6.93 -7.14 -2.07
CA ASN A 328 7.71 -6.21 -1.26
C ASN A 328 8.15 -6.71 0.11
N ARG A 329 8.68 -5.79 0.91
CA ARG A 329 9.54 -6.15 2.05
C ARG A 329 8.84 -6.76 3.26
N TYR A 330 7.54 -6.53 3.40
CA TYR A 330 6.79 -7.16 4.49
C TYR A 330 5.93 -8.27 3.90
N ALA A 331 6.53 -9.02 2.97
CA ALA A 331 5.84 -10.01 2.14
C ALA A 331 4.99 -11.01 2.93
N SER A 332 5.64 -11.79 3.78
CA SER A 332 4.98 -12.90 4.48
C SER A 332 3.77 -12.48 5.29
N ASN A 333 3.83 -11.26 5.84
CA ASN A 333 2.72 -10.76 6.63
C ASN A 333 1.48 -10.54 5.77
N ILE A 334 1.69 -10.03 4.56
CA ILE A 334 0.58 -9.84 3.62
C ILE A 334 -0.15 -11.16 3.41
N VAL A 335 0.63 -12.22 3.26
CA VAL A 335 0.08 -13.56 3.08
C VAL A 335 -0.63 -14.06 4.34
N GLU A 336 0.05 -13.98 5.47
CA GLU A 336 -0.49 -14.51 6.72
C GLU A 336 -1.65 -13.67 7.26
N SER A 337 -1.59 -12.35 7.05
CA SER A 337 -2.66 -11.47 7.52
C SER A 337 -3.97 -11.75 6.79
N ALA A 338 -3.86 -12.32 5.60
CA ALA A 338 -5.05 -12.63 4.79
C ALA A 338 -5.96 -13.62 5.50
N TYR A 339 -5.34 -14.60 6.16
CA TYR A 339 -6.10 -15.58 6.94
C TYR A 339 -6.90 -14.92 8.06
N LEU A 340 -6.21 -14.06 8.80
CA LEU A 340 -6.82 -13.39 9.95
C LEU A 340 -7.94 -12.46 9.52
N ILE A 341 -7.76 -11.82 8.36
CA ILE A 341 -8.74 -10.89 7.84
C ILE A 341 -10.03 -11.61 7.46
N LEU A 342 -9.89 -12.72 6.75
CA LEU A 342 -11.05 -13.48 6.30
C LEU A 342 -11.75 -14.21 7.44
N ASN A 343 -10.99 -14.55 8.48
CA ASN A 343 -11.58 -15.14 9.68
C ASN A 343 -12.56 -14.17 10.35
N GLU A 344 -12.10 -12.94 10.55
CA GLU A 344 -12.95 -11.89 11.12
C GLU A 344 -14.17 -11.65 10.24
N TRP A 345 -13.95 -11.67 8.93
CA TRP A 345 -15.00 -11.50 7.94
C TRP A 345 -16.07 -12.57 8.08
N LYS A 346 -15.65 -13.79 8.36
CA LYS A 346 -16.55 -14.92 8.55
C LYS A 346 -17.25 -14.84 9.89
N ASN A 347 -16.54 -14.32 10.90
CA ASN A 347 -17.08 -14.24 12.25
C ASN A 347 -18.17 -13.19 12.41
N ASN A 348 -17.95 -12.01 11.84
CA ASN A 348 -18.83 -10.87 12.09
C ASN A 348 -19.95 -10.68 11.07
N ILE A 349 -19.99 -11.54 10.06
CA ILE A 349 -21.04 -11.47 9.04
C ILE A 349 -21.73 -12.83 8.91
N GLN A 350 -23.06 -12.82 8.86
CA GLN A 350 -23.81 -14.06 8.75
C GLN A 350 -23.45 -14.84 7.49
N SER A 351 -23.31 -16.15 7.65
CA SER A 351 -22.81 -17.05 6.60
C SER A 351 -23.59 -16.95 5.28
N ASP A 352 -24.91 -16.86 5.36
CA ASP A 352 -25.76 -16.82 4.17
C ASP A 352 -25.51 -15.59 3.32
N LEU A 353 -25.33 -14.43 3.97
CA LEU A 353 -25.01 -13.20 3.27
C LEU A 353 -23.66 -13.32 2.57
N ILE A 354 -22.69 -13.87 3.27
CA ILE A 354 -21.35 -14.08 2.73
C ILE A 354 -21.38 -14.98 1.50
N LYS A 355 -22.04 -16.13 1.61
CA LYS A 355 -22.09 -17.09 0.52
C LYS A 355 -22.79 -16.52 -0.70
N LYS A 356 -23.96 -15.92 -0.49
CA LYS A 356 -24.75 -15.34 -1.57
C LYS A 356 -23.97 -14.30 -2.36
N VAL A 357 -23.29 -13.40 -1.65
CA VAL A 357 -22.54 -12.34 -2.30
C VAL A 357 -21.27 -12.86 -2.97
N THR A 358 -20.53 -13.72 -2.25
CA THR A 358 -19.29 -14.27 -2.78
C THR A 358 -19.55 -15.03 -4.08
N ASN A 359 -20.63 -15.81 -4.12
CA ASN A 359 -21.03 -16.52 -5.34
C ASN A 359 -21.29 -15.56 -6.49
N TYR A 360 -21.90 -14.43 -6.19
CA TYR A 360 -22.11 -13.37 -7.19
C TYR A 360 -20.79 -12.86 -7.75
N LEU A 361 -19.81 -12.69 -6.86
CA LEU A 361 -18.49 -12.23 -7.26
C LEU A 361 -17.76 -13.28 -8.09
N VAL A 362 -17.89 -14.54 -7.70
CA VAL A 362 -17.27 -15.64 -8.43
C VAL A 362 -17.87 -15.79 -9.82
N ASP A 363 -19.18 -15.54 -9.93
CA ASP A 363 -19.86 -15.60 -11.22
C ASP A 363 -19.37 -14.50 -12.15
N GLY A 364 -18.76 -13.46 -11.59
CA GLY A 364 -18.21 -12.39 -12.40
C GLY A 364 -16.69 -12.47 -12.46
N ASN A 365 -16.16 -13.64 -12.13
CA ASN A 365 -14.72 -13.90 -12.11
C ASN A 365 -13.98 -12.95 -11.15
N GLY A 366 -14.63 -12.62 -10.05
CA GLY A 366 -14.09 -11.68 -9.07
C GLY A 366 -13.01 -12.27 -8.18
N ARG A 367 -12.23 -11.40 -7.56
CA ARG A 367 -11.12 -11.84 -6.73
C ARG A 367 -11.05 -11.12 -5.39
N PHE A 368 -10.49 -11.80 -4.39
CA PHE A 368 -10.01 -11.13 -3.18
C PHE A 368 -8.51 -10.92 -3.34
N VAL A 369 -8.12 -9.70 -3.72
CA VAL A 369 -6.70 -9.42 -3.99
C VAL A 369 -6.00 -8.79 -2.80
N PHE A 370 -5.14 -9.56 -2.14
CA PHE A 370 -4.32 -9.06 -1.05
C PHE A 370 -2.93 -8.73 -1.59
N THR A 371 -2.51 -7.48 -1.44
CA THR A 371 -1.30 -7.01 -2.13
C THR A 371 -0.46 -6.01 -1.33
N ASP A 372 0.80 -5.88 -1.72
CA ASP A 372 1.69 -4.86 -1.15
C ASP A 372 2.21 -3.91 -2.22
N ILE A 373 1.64 -3.99 -3.42
CA ILE A 373 1.90 -2.99 -4.46
C ILE A 373 0.68 -2.08 -4.55
N THR A 374 0.88 -0.86 -5.06
CA THR A 374 -0.21 0.12 -5.11
C THR A 374 -1.34 -0.34 -6.02
N LEU A 375 -2.57 -0.03 -5.63
CA LEU A 375 -3.77 -0.53 -6.28
C LEU A 375 -3.94 -0.13 -7.76
N PRO A 376 -3.41 1.06 -8.17
CA PRO A 376 -3.46 1.29 -9.62
C PRO A 376 -2.69 0.26 -10.43
N ASN A 377 -1.75 -0.44 -9.80
CA ASN A 377 -0.96 -1.46 -10.49
C ASN A 377 -1.53 -2.86 -10.35
N ILE A 378 -2.75 -2.94 -9.83
CA ILE A 378 -3.49 -4.19 -9.78
C ILE A 378 -4.37 -4.29 -11.02
N ALA A 379 -4.26 -5.41 -11.74
CA ALA A 379 -5.00 -5.59 -12.98
C ALA A 379 -6.51 -5.49 -12.76
N GLU A 380 -6.97 -5.98 -11.61
CA GLU A 380 -8.39 -5.94 -11.29
C GLU A 380 -8.92 -4.51 -11.22
N GLN A 381 -8.03 -3.53 -11.11
CA GLN A 381 -8.46 -2.14 -11.26
C GLN A 381 -8.15 -1.57 -12.64
N TYR A 382 -6.89 -1.61 -13.05
CA TYR A 382 -6.49 -0.83 -14.21
C TYR A 382 -7.03 -1.36 -15.54
N THR A 383 -7.50 -2.60 -15.56
CA THR A 383 -8.09 -3.16 -16.76
C THR A 383 -9.42 -2.47 -17.06
N HIS A 384 -10.05 -1.97 -16.01
CA HIS A 384 -11.33 -1.29 -16.14
C HIS A 384 -11.20 0.20 -15.86
N GLN A 385 -9.97 0.68 -15.85
CA GLN A 385 -9.72 2.08 -15.55
C GLN A 385 -8.52 2.61 -16.34
N ASP A 386 -8.76 2.93 -17.61
CA ASP A 386 -7.71 3.41 -18.51
C ASP A 386 -7.18 4.77 -18.05
N GLU A 387 -8.08 5.65 -17.65
CA GLU A 387 -7.68 6.98 -17.21
C GLU A 387 -6.96 6.93 -15.86
N ILE A 388 -5.72 7.39 -15.84
CA ILE A 388 -4.94 7.44 -14.61
C ILE A 388 -5.60 8.34 -13.56
N TYR A 389 -6.18 9.45 -14.01
CA TYR A 389 -6.79 10.39 -13.08
C TYR A 389 -8.01 9.78 -12.39
N GLU A 390 -8.51 8.68 -12.93
CA GLU A 390 -9.60 7.94 -12.31
C GLU A 390 -9.07 6.77 -11.48
N GLN A 391 -7.79 6.43 -11.70
CA GLN A 391 -7.17 5.35 -10.94
C GLN A 391 -6.97 5.74 -9.48
N VAL A 392 -7.30 4.83 -8.57
CA VAL A 392 -7.28 5.12 -7.15
C VAL A 392 -6.26 4.27 -6.40
N HIS A 393 -5.44 4.93 -5.58
CA HIS A 393 -4.68 4.19 -4.58
C HIS A 393 -5.24 4.49 -3.21
N SER A 394 -5.41 3.44 -2.41
CA SER A 394 -6.03 3.56 -1.11
C SER A 394 -5.79 2.29 -0.31
N LYS A 395 -6.27 2.27 0.93
CA LYS A 395 -6.17 1.08 1.77
C LYS A 395 -6.86 -0.10 1.09
N GLY A 396 -8.08 0.14 0.66
CA GLY A 396 -8.88 -0.91 0.03
C GLY A 396 -9.75 -0.36 -1.07
N LEU A 397 -10.33 -1.25 -1.86
CA LEU A 397 -11.12 -0.85 -3.01
C LEU A 397 -12.03 -1.98 -3.48
N TYR A 398 -13.23 -1.63 -3.93
CA TYR A 398 -14.07 -2.58 -4.63
C TYR A 398 -14.28 -2.14 -6.07
N VAL A 399 -14.01 -3.05 -7.00
CA VAL A 399 -14.16 -2.76 -8.41
C VAL A 399 -15.29 -3.60 -8.99
N PRO A 400 -16.46 -2.99 -9.17
CA PRO A 400 -17.65 -3.69 -9.68
C PRO A 400 -17.44 -4.31 -11.05
N GLU A 401 -16.70 -3.62 -11.92
CA GLU A 401 -16.46 -4.12 -13.27
C GLU A 401 -15.72 -5.46 -13.26
N SER A 402 -14.96 -5.70 -12.19
CA SER A 402 -14.24 -6.95 -12.05
C SER A 402 -14.78 -7.78 -10.88
N ARG A 403 -15.75 -7.22 -10.18
CA ARG A 403 -16.32 -7.86 -8.99
C ARG A 403 -15.21 -8.23 -7.99
N SER A 404 -14.23 -7.35 -7.84
CA SER A 404 -13.05 -7.67 -7.05
C SER A 404 -12.85 -6.76 -5.83
N ILE A 405 -12.38 -7.37 -4.76
CA ILE A 405 -11.96 -6.62 -3.58
C ILE A 405 -10.43 -6.53 -3.54
N LEU A 406 -9.93 -5.31 -3.42
CA LEU A 406 -8.49 -5.08 -3.38
C LEU A 406 -8.13 -4.56 -1.99
N LEU A 407 -7.11 -5.14 -1.37
CA LEU A 407 -6.70 -4.71 -0.03
C LEU A 407 -5.20 -4.51 0.06
N HIS A 408 -4.79 -3.27 0.32
CA HIS A 408 -3.38 -2.91 0.35
C HIS A 408 -2.80 -2.99 1.75
N GLY A 409 -1.98 -4.01 1.98
CA GLY A 409 -1.37 -4.28 3.28
C GLY A 409 -0.68 -3.13 3.99
N PRO A 410 0.40 -2.59 3.39
CA PRO A 410 1.26 -1.59 4.04
C PRO A 410 0.56 -0.33 4.56
N SER A 411 -0.53 0.08 3.91
CA SER A 411 -1.17 1.35 4.24
C SER A 411 -2.22 1.22 5.36
N LYS A 412 -2.73 2.36 5.79
CA LYS A 412 -3.75 2.43 6.84
C LYS A 412 -4.93 3.29 6.39
N GLY A 413 -6.13 2.74 6.50
CA GLY A 413 -7.33 3.47 6.13
C GLY A 413 -7.70 4.48 7.20
N VAL A 414 -8.60 5.40 6.87
CA VAL A 414 -9.02 6.41 7.83
C VAL A 414 -9.84 5.79 8.96
N GLU A 415 -9.45 6.14 10.20
CA GLU A 415 -10.16 5.71 11.40
C GLU A 415 -10.48 4.21 11.44
N LEU A 416 -9.55 3.39 11.00
CA LEU A 416 -9.70 1.94 11.11
C LEU A 416 -8.75 1.39 12.18
N ARG A 417 -9.16 0.32 12.83
CA ARG A 417 -8.34 -0.29 13.88
C ARG A 417 -7.48 -1.41 13.33
N ASN A 418 -7.86 -1.93 12.17
CA ASN A 418 -7.17 -3.07 11.57
C ASN A 418 -7.52 -3.24 10.10
N ASP A 419 -6.88 -4.20 9.46
CA ASP A 419 -7.14 -4.51 8.05
C ASP A 419 -8.52 -5.14 7.86
N SER A 420 -8.94 -5.94 8.84
CA SER A 420 -10.22 -6.64 8.76
C SER A 420 -11.41 -5.66 8.69
N GLU A 421 -11.28 -4.53 9.36
CA GLU A 421 -12.32 -3.50 9.30
C GLU A 421 -12.38 -2.90 7.90
N GLY A 422 -11.23 -2.84 7.23
CA GLY A 422 -11.18 -2.33 5.88
C GLY A 422 -11.83 -3.26 4.87
N PHE A 423 -11.57 -4.56 5.02
CA PHE A 423 -12.11 -5.57 4.11
C PHE A 423 -13.62 -5.62 4.18
N ILE A 424 -14.16 -5.49 5.38
CA ILE A 424 -15.60 -5.54 5.61
C ILE A 424 -16.27 -4.34 4.93
N HIS A 425 -15.61 -3.19 5.00
CA HIS A 425 -16.06 -2.01 4.27
C HIS A 425 -16.20 -2.32 2.78
N GLU A 426 -15.19 -2.99 2.23
CA GLU A 426 -15.18 -3.29 0.80
C GLU A 426 -16.25 -4.33 0.46
N PHE A 427 -16.46 -5.28 1.37
CA PHE A 427 -17.51 -6.27 1.19
C PHE A 427 -18.86 -5.58 1.20
N GLY A 428 -18.95 -4.46 1.93
CA GLY A 428 -20.14 -3.64 1.94
C GLY A 428 -20.47 -3.11 0.56
N HIS A 429 -19.44 -2.72 -0.18
CA HIS A 429 -19.61 -2.26 -1.55
C HIS A 429 -20.14 -3.37 -2.45
N ALA A 430 -19.67 -4.59 -2.22
CA ALA A 430 -20.14 -5.75 -2.97
C ALA A 430 -21.59 -6.04 -2.65
N VAL A 431 -21.98 -5.82 -1.40
CA VAL A 431 -23.36 -5.97 -0.97
C VAL A 431 -24.24 -4.92 -1.65
N ASP A 432 -23.74 -3.68 -1.66
CA ASP A 432 -24.37 -2.57 -2.35
C ASP A 432 -24.61 -2.90 -3.81
N ASP A 433 -23.67 -3.65 -4.39
CA ASP A 433 -23.71 -4.02 -5.80
C ASP A 433 -24.72 -5.12 -6.05
N TYR A 434 -24.55 -6.25 -5.36
CA TYR A 434 -25.42 -7.41 -5.53
C TYR A 434 -26.89 -7.07 -5.29
N ALA A 435 -27.14 -6.26 -4.27
CA ALA A 435 -28.51 -5.88 -3.92
C ALA A 435 -29.14 -5.05 -5.04
N GLY A 436 -28.35 -4.16 -5.63
CA GLY A 436 -28.81 -3.34 -6.74
C GLY A 436 -29.01 -4.19 -7.99
N TYR A 437 -28.24 -5.26 -8.09
CA TYR A 437 -28.36 -6.19 -9.20
C TYR A 437 -29.63 -7.01 -9.10
N LEU A 438 -29.95 -7.47 -7.89
CA LEU A 438 -31.13 -8.29 -7.66
C LEU A 438 -32.42 -7.50 -7.91
N LEU A 439 -32.39 -6.21 -7.62
CA LEU A 439 -33.54 -5.34 -7.84
C LEU A 439 -33.89 -5.22 -9.31
N ASP A 440 -32.86 -5.15 -10.16
CA ASP A 440 -33.06 -5.03 -11.60
C ASP A 440 -31.91 -5.69 -12.34
N LYS A 441 -32.03 -6.99 -12.59
CA LYS A 441 -30.96 -7.77 -13.20
C LYS A 441 -30.70 -7.35 -14.65
N ASN A 442 -31.70 -6.77 -15.30
CA ASN A 442 -31.56 -6.33 -16.68
C ASN A 442 -30.67 -5.11 -16.82
N GLN A 443 -30.96 -4.07 -16.03
CA GLN A 443 -30.10 -2.89 -15.95
C GLN A 443 -29.49 -2.79 -14.56
N SER A 444 -28.37 -3.47 -14.35
CA SER A 444 -27.74 -3.56 -13.04
C SER A 444 -27.18 -2.23 -12.56
N ASP A 445 -27.46 -1.90 -11.30
CA ASP A 445 -26.91 -0.70 -10.68
C ASP A 445 -26.62 -0.98 -9.21
N LEU A 446 -26.36 0.08 -8.45
CA LEU A 446 -26.11 -0.03 -7.00
C LEU A 446 -27.35 0.45 -6.26
N VAL A 447 -27.70 -0.22 -5.15
CA VAL A 447 -28.87 0.18 -4.38
C VAL A 447 -28.71 1.59 -3.81
N THR A 448 -27.47 2.04 -3.67
CA THR A 448 -27.20 3.37 -3.15
C THR A 448 -27.50 4.47 -4.16
N ASN A 449 -27.88 4.06 -5.36
CA ASN A 449 -28.29 5.02 -6.39
C ASN A 449 -29.81 5.07 -6.50
N SER A 450 -30.48 4.19 -5.76
CA SER A 450 -31.93 4.24 -5.66
C SER A 450 -32.36 5.51 -4.95
N LYS A 451 -33.48 6.09 -5.41
CA LYS A 451 -33.98 7.35 -4.84
C LYS A 451 -34.19 7.25 -3.34
N LYS A 452 -34.55 6.05 -2.88
CA LYS A 452 -34.81 5.85 -1.46
C LYS A 452 -33.58 6.08 -0.61
N PHE A 453 -32.49 5.39 -0.93
CA PHE A 453 -31.27 5.52 -0.13
C PHE A 453 -30.63 6.89 -0.27
N ILE A 454 -30.79 7.51 -1.44
CA ILE A 454 -30.27 8.85 -1.67
C ILE A 454 -30.92 9.84 -0.69
N ASP A 455 -32.23 9.69 -0.48
CA ASP A 455 -32.93 10.49 0.50
C ASP A 455 -32.45 10.18 1.91
N ILE A 456 -32.21 8.90 2.17
CA ILE A 456 -31.69 8.47 3.47
C ILE A 456 -30.32 9.09 3.72
N PHE A 457 -29.51 9.16 2.67
CA PHE A 457 -28.18 9.77 2.78
C PHE A 457 -28.27 11.28 2.98
N LYS A 458 -29.26 11.91 2.36
CA LYS A 458 -29.46 13.34 2.50
C LYS A 458 -29.82 13.72 3.94
N GLU A 459 -30.35 12.76 4.68
CA GLU A 459 -30.81 12.99 6.05
C GLU A 459 -29.80 12.51 7.09
N GLU A 460 -29.37 11.25 6.97
CA GLU A 460 -28.54 10.64 8.00
C GLU A 460 -27.05 10.59 7.65
N GLY A 461 -26.70 11.15 6.50
CA GLY A 461 -25.35 11.04 5.96
C GLY A 461 -24.20 11.54 6.82
N SER A 462 -24.50 12.37 7.82
CA SER A 462 -23.46 12.93 8.66
C SER A 462 -23.45 12.33 10.06
N ASN A 463 -24.35 11.39 10.29
CA ASN A 463 -24.54 10.85 11.64
C ASN A 463 -23.57 9.74 12.02
N LEU A 464 -22.78 9.27 11.06
CA LEU A 464 -21.80 8.22 11.34
C LEU A 464 -20.38 8.78 11.24
N THR A 465 -19.48 8.03 10.63
CA THR A 465 -18.09 8.47 10.50
C THR A 465 -17.98 9.65 9.54
N SER A 466 -16.92 10.43 9.69
CA SER A 466 -16.67 11.56 8.80
C SER A 466 -16.54 11.10 7.36
N TYR A 467 -15.83 9.99 7.17
CA TYR A 467 -15.60 9.46 5.84
C TYR A 467 -16.91 9.00 5.18
N GLY A 468 -17.88 8.64 6.01
CA GLY A 468 -19.18 8.24 5.51
C GLY A 468 -19.93 9.38 4.82
N ARG A 469 -19.50 10.62 5.10
CA ARG A 469 -20.16 11.79 4.53
C ARG A 469 -19.80 11.98 3.05
N THR A 470 -18.80 11.26 2.57
CA THR A 470 -18.29 11.41 1.21
C THR A 470 -19.39 11.31 0.17
N ASN A 471 -20.07 10.17 0.14
CA ASN A 471 -21.21 9.95 -0.75
C ASN A 471 -22.05 8.78 -0.26
N GLU A 472 -23.16 8.53 -0.94
CA GLU A 472 -24.08 7.48 -0.52
C GLU A 472 -23.42 6.09 -0.55
N ALA A 473 -22.49 5.89 -1.48
CA ALA A 473 -21.82 4.61 -1.61
C ALA A 473 -20.93 4.34 -0.40
N GLU A 474 -20.10 5.32 -0.04
CA GLU A 474 -19.20 5.17 1.09
C GLU A 474 -19.96 5.15 2.40
N PHE A 475 -21.05 5.91 2.46
CA PHE A 475 -21.90 5.95 3.64
C PHE A 475 -22.47 4.57 3.95
N PHE A 476 -23.09 3.96 2.95
CA PHE A 476 -23.58 2.58 3.02
C PHE A 476 -22.48 1.64 3.49
N ALA A 477 -21.28 1.81 2.95
CA ALA A 477 -20.16 0.93 3.25
C ALA A 477 -19.68 1.13 4.68
N GLU A 478 -19.64 2.37 5.14
CA GLU A 478 -19.24 2.68 6.50
C GLU A 478 -20.28 2.18 7.51
N ALA A 479 -21.55 2.41 7.20
CA ALA A 479 -22.64 1.92 8.02
C ALA A 479 -22.58 0.40 8.12
N PHE A 480 -22.39 -0.25 6.98
CA PHE A 480 -22.26 -1.70 6.94
C PHE A 480 -21.06 -2.17 7.76
N ARG A 481 -19.98 -1.41 7.70
CA ARG A 481 -18.78 -1.73 8.47
C ARG A 481 -19.10 -1.73 9.96
N LEU A 482 -19.67 -0.62 10.43
CA LEU A 482 -19.94 -0.45 11.85
C LEU A 482 -21.03 -1.39 12.36
N MET A 483 -21.94 -1.78 11.47
CA MET A 483 -23.00 -2.71 11.84
C MET A 483 -22.46 -4.11 12.11
N HIS A 484 -21.24 -4.36 11.66
CA HIS A 484 -20.60 -5.66 11.85
C HIS A 484 -19.26 -5.54 12.57
N SER A 485 -19.13 -4.51 13.39
CA SER A 485 -17.93 -4.32 14.21
C SER A 485 -17.89 -5.29 15.37
N THR A 486 -16.69 -5.63 15.83
CA THR A 486 -16.54 -6.48 17.02
C THR A 486 -16.98 -5.73 18.27
N ASP A 487 -16.91 -4.40 18.19
CA ASP A 487 -17.39 -3.53 19.26
C ASP A 487 -18.90 -3.36 19.19
N HIS A 488 -19.60 -3.86 20.20
CA HIS A 488 -21.06 -3.82 20.23
C HIS A 488 -21.59 -2.39 20.27
N ALA A 489 -20.82 -1.49 20.84
CA ALA A 489 -21.22 -0.09 20.94
C ALA A 489 -21.35 0.54 19.56
N GLU A 490 -20.43 0.18 18.67
CA GLU A 490 -20.45 0.70 17.31
C GLU A 490 -21.67 0.22 16.54
N ARG A 491 -22.05 -1.04 16.76
CA ARG A 491 -23.19 -1.62 16.08
C ARG A 491 -24.49 -0.93 16.52
N LEU A 492 -24.50 -0.45 17.75
CA LEU A 492 -25.69 0.19 18.31
C LEU A 492 -25.78 1.66 17.89
N LYS A 493 -24.63 2.30 17.72
CA LYS A 493 -24.58 3.70 17.30
C LYS A 493 -25.26 3.89 15.94
N VAL A 494 -25.08 2.92 15.04
CA VAL A 494 -25.73 2.97 13.74
C VAL A 494 -27.24 2.88 13.89
N GLN A 495 -27.69 1.93 14.72
CA GLN A 495 -29.11 1.75 14.99
C GLN A 495 -29.74 3.01 15.58
N LYS A 496 -28.96 3.73 16.40
CA LYS A 496 -29.48 4.88 17.12
C LYS A 496 -29.24 6.21 16.41
N ASN A 497 -28.13 6.34 15.70
CA ASN A 497 -27.82 7.60 15.01
C ASN A 497 -28.28 7.62 13.56
N ALA A 498 -28.42 6.45 12.96
CA ALA A 498 -28.90 6.36 11.58
C ALA A 498 -29.86 5.18 11.42
N PRO A 499 -31.03 5.26 12.07
CA PRO A 499 -31.98 4.15 12.11
C PRO A 499 -32.52 3.75 10.74
N LYS A 500 -32.77 4.74 9.88
CA LYS A 500 -33.26 4.45 8.53
C LYS A 500 -32.23 3.64 7.75
N THR A 501 -30.99 4.09 7.78
CA THR A 501 -29.88 3.38 7.14
C THR A 501 -29.75 1.98 7.70
N PHE A 502 -29.86 1.88 9.02
CA PHE A 502 -29.79 0.60 9.72
C PHE A 502 -30.78 -0.39 9.13
N GLN A 503 -32.05 0.01 9.08
CA GLN A 503 -33.10 -0.85 8.53
C GLN A 503 -32.93 -1.07 7.05
N PHE A 504 -32.44 -0.05 6.34
CA PHE A 504 -32.26 -0.15 4.90
C PHE A 504 -31.27 -1.25 4.55
N ILE A 505 -30.16 -1.28 5.29
CA ILE A 505 -29.15 -2.31 5.08
C ILE A 505 -29.69 -3.69 5.45
N ASN A 506 -30.37 -3.76 6.59
CA ASN A 506 -30.98 -5.01 7.04
C ASN A 506 -31.98 -5.57 6.03
N ASP A 507 -32.72 -4.68 5.38
CA ASP A 507 -33.66 -5.08 4.34
C ASP A 507 -32.93 -5.69 3.16
N GLN A 508 -31.83 -5.07 2.75
CA GLN A 508 -31.05 -5.56 1.63
C GLN A 508 -30.48 -6.94 1.94
N ILE A 509 -29.98 -7.10 3.15
CA ILE A 509 -29.40 -8.36 3.58
C ILE A 509 -30.42 -9.50 3.55
N LYS A 510 -31.63 -9.22 4.04
CA LYS A 510 -32.71 -10.19 3.97
C LYS A 510 -33.08 -10.50 2.53
N PHE A 511 -33.22 -9.45 1.73
CA PHE A 511 -33.59 -9.59 0.33
C PHE A 511 -32.55 -10.39 -0.46
N ILE A 512 -31.27 -10.21 -0.10
CA ILE A 512 -30.19 -10.98 -0.73
C ILE A 512 -30.24 -12.44 -0.31
N ILE A 513 -30.42 -12.69 0.98
CA ILE A 513 -30.46 -14.05 1.51
C ILE A 513 -31.66 -14.82 0.98
N ASN A 514 -32.79 -14.14 0.83
CA ASN A 514 -34.02 -14.80 0.37
C ASN A 514 -34.12 -14.90 -1.15
N SER A 515 -33.11 -14.41 -1.85
CA SER A 515 -33.15 -14.44 -3.31
C SER A 515 -32.92 -15.85 -3.85
#